data_7B30
#
_entry.id   7B30
#
_cell.length_a   98.997
_cell.length_b   58.846
_cell.length_c   61.843
_cell.angle_alpha   90.000
_cell.angle_beta   92.921
_cell.angle_gamma   90.000
#
_symmetry.space_group_name_H-M   'C 1 2 1'
#
loop_
_entity.id
_entity.type
_entity.pdbx_description
1 polymer 'Serine/threonine-protein kinase 24'
2 non-polymer 8-[(trans-5-amino-1,3-dioxan-2-yl)methyl]-6-[2-chloro-4-(6-methylpyridin-2-yl)phenyl]-2-(methylamino)pyrido[2,3-d]pyrimidin-7(8H)-one
3 water water
#
_entity_poly.entity_id   1
_entity_poly.type   'polypeptide(L)'
_entity_poly.pdbx_seq_one_letter_code
;MRAQLWGLALNKRRATLPHPGGSTNLKADPEELFTKLEKIGKGSFGEVFKGIDNRTQKVVAIKIIDLEEAEDEIEDIQQE
ITVLSQCDSPYVTKYYGSYLKDTKLWIIMEYLGGGSALDLLEPGPLDETQIATILREILKGLDYLHSEKKIHRDIKAANV
LLSEHGEVKLADFGVAGQLTDTQIKRNTFVGTPFWMAPEVIKQSAYDSKADIWSLGITAIELARGEPPHSELHPMKVLFL
IPKNNPPTLEGNYSKPLKEFVEACLNKEPSFRPTAKELLKHKFILRNAKKTSYLTELIDAHHHHHH
;
_entity_poly.pdbx_strand_id   A
#
# COMPACT_ATOMS: atom_id res chain seq x y z
N THR A 24 -12.61 -16.97 -10.89
CA THR A 24 -12.73 -16.20 -12.12
C THR A 24 -13.88 -16.69 -13.02
N ASN A 25 -15.10 -16.23 -12.70
CA ASN A 25 -16.33 -16.78 -13.28
C ASN A 25 -16.55 -16.25 -14.70
N LEU A 26 -16.90 -17.15 -15.61
CA LEU A 26 -17.05 -16.79 -17.00
C LEU A 26 -18.48 -16.81 -17.50
N LYS A 27 -19.42 -17.38 -16.75
CA LYS A 27 -20.84 -17.34 -17.14
C LYS A 27 -21.60 -16.21 -16.47
N ALA A 28 -21.30 -15.92 -15.21
CA ALA A 28 -22.00 -14.88 -14.48
C ALA A 28 -21.76 -13.52 -15.13
N ASP A 29 -22.80 -12.68 -15.08
CA ASP A 29 -22.74 -11.36 -15.68
C ASP A 29 -22.50 -10.34 -14.59
N PRO A 30 -21.36 -9.65 -14.57
CA PRO A 30 -21.16 -8.66 -13.50
C PRO A 30 -22.07 -7.42 -13.55
N GLU A 31 -22.68 -7.00 -14.67
CA GLU A 31 -23.63 -5.87 -14.56
C GLU A 31 -24.79 -6.28 -13.68
N GLU A 32 -25.19 -7.55 -13.76
CA GLU A 32 -26.33 -7.98 -12.95
C GLU A 32 -25.94 -8.07 -11.50
N LEU A 33 -24.72 -8.53 -11.18
CA LEU A 33 -24.33 -8.78 -9.80
C LEU A 33 -23.90 -7.52 -9.05
N PHE A 34 -23.40 -6.51 -9.75
CA PHE A 34 -22.91 -5.32 -9.11
C PHE A 34 -23.52 -4.09 -9.76
N THR A 35 -23.73 -3.06 -8.96
CA THR A 35 -24.07 -1.73 -9.43
C THR A 35 -22.80 -0.87 -9.39
N LYS A 36 -22.36 -0.37 -10.55
CA LYS A 36 -21.14 0.42 -10.62
C LYS A 36 -21.49 1.88 -10.29
N LEU A 37 -20.75 2.46 -9.35
CA LEU A 37 -20.97 3.82 -8.88
C LEU A 37 -19.83 4.70 -9.40
N GLU A 38 -19.51 5.78 -8.68
CA GLU A 38 -18.51 6.73 -9.13
C GLU A 38 -17.12 6.10 -9.18
N LYS A 39 -16.27 6.63 -10.06
CA LYS A 39 -14.88 6.21 -10.08
C LYS A 39 -14.20 6.65 -8.80
N ILE A 40 -13.36 5.79 -8.23
CA ILE A 40 -12.61 6.14 -7.04
C ILE A 40 -11.12 6.08 -7.35
N GLY A 41 -10.77 6.38 -8.59
CA GLY A 41 -9.38 6.54 -8.99
C GLY A 41 -8.97 5.56 -10.07
N LYS A 42 -7.82 5.87 -10.67
CA LYS A 42 -7.19 5.00 -11.65
C LYS A 42 -6.16 4.15 -10.91
N GLY A 43 -6.35 2.84 -10.94
CA GLY A 43 -5.38 1.90 -10.43
C GLY A 43 -4.50 1.34 -11.52
N SER A 44 -3.79 0.27 -11.18
CA SER A 44 -3.00 -0.44 -12.18
C SER A 44 -3.92 -1.11 -13.20
N PHE A 45 -3.71 -0.78 -14.47
CA PHE A 45 -4.26 -1.43 -15.66
C PHE A 45 -5.73 -1.08 -15.97
N GLY A 46 -6.42 -0.28 -15.17
CA GLY A 46 -7.78 0.05 -15.52
C GLY A 46 -8.41 1.01 -14.52
N GLU A 47 -9.64 1.42 -14.84
CA GLU A 47 -10.40 2.29 -13.96
C GLU A 47 -11.01 1.51 -12.79
N VAL A 48 -11.12 2.18 -11.64
CA VAL A 48 -11.66 1.58 -10.43
C VAL A 48 -12.88 2.39 -10.00
N PHE A 49 -13.94 1.67 -9.63
CA PHE A 49 -15.21 2.24 -9.27
C PHE A 49 -15.63 1.76 -7.90
N LYS A 50 -16.21 2.66 -7.12
CA LYS A 50 -17.07 2.26 -6.04
C LYS A 50 -18.25 1.50 -6.62
N GLY A 51 -18.67 0.43 -5.94
CA GLY A 51 -19.79 -0.33 -6.45
C GLY A 51 -20.58 -0.98 -5.34
N ILE A 52 -21.74 -1.51 -5.71
CA ILE A 52 -22.65 -2.18 -4.77
C ILE A 52 -22.81 -3.62 -5.20
N ASP A 53 -22.57 -4.54 -4.27
CA ASP A 53 -22.97 -5.94 -4.44
C ASP A 53 -24.49 -5.99 -4.29
N ASN A 54 -25.19 -6.28 -5.39
CA ASN A 54 -26.64 -6.22 -5.37
C ASN A 54 -27.26 -7.29 -4.49
N ARG A 55 -26.55 -8.38 -4.18
CA ARG A 55 -27.13 -9.42 -3.34
C ARG A 55 -27.06 -9.06 -1.85
N THR A 56 -25.96 -8.46 -1.41
CA THR A 56 -25.76 -8.13 0.00
C THR A 56 -25.95 -6.64 0.30
N GLN A 57 -25.87 -5.78 -0.73
CA GLN A 57 -25.84 -4.32 -0.61
C GLN A 57 -24.54 -3.81 0.03
N LYS A 58 -23.53 -4.66 0.19
CA LYS A 58 -22.24 -4.18 0.65
C LYS A 58 -21.56 -3.35 -0.44
N VAL A 59 -20.80 -2.36 0.00
CA VAL A 59 -20.00 -1.57 -0.94
C VAL A 59 -18.75 -2.36 -1.29
N VAL A 60 -18.39 -2.40 -2.57
CA VAL A 60 -17.17 -3.04 -3.05
C VAL A 60 -16.40 -2.04 -3.92
N ALA A 61 -15.12 -2.36 -4.17
CA ALA A 61 -14.33 -1.67 -5.18
C ALA A 61 -14.26 -2.54 -6.42
N ILE A 62 -14.48 -1.94 -7.59
CA ILE A 62 -14.56 -2.67 -8.85
C ILE A 62 -13.53 -2.09 -9.81
N LYS A 63 -12.54 -2.90 -10.17
CA LYS A 63 -11.61 -2.54 -11.22
C LYS A 63 -12.08 -3.21 -12.51
N ILE A 64 -12.17 -2.42 -13.57
CA ILE A 64 -12.59 -2.89 -14.89
C ILE A 64 -11.42 -2.71 -15.85
N ILE A 65 -10.89 -3.82 -16.36
CA ILE A 65 -9.75 -3.83 -17.27
C ILE A 65 -10.23 -4.26 -18.65
N ASP A 66 -9.94 -3.46 -19.65
CA ASP A 66 -10.23 -3.85 -21.04
C ASP A 66 -9.09 -4.74 -21.53
N LEU A 67 -9.39 -6.01 -21.76
CA LEU A 67 -8.36 -6.97 -22.16
C LEU A 67 -7.94 -6.82 -23.62
N GLU A 68 -8.75 -6.15 -24.45
CA GLU A 68 -8.27 -5.80 -25.78
C GLU A 68 -7.20 -4.72 -25.72
N GLU A 69 -7.24 -3.87 -24.69
CA GLU A 69 -6.25 -2.82 -24.50
C GLU A 69 -5.01 -3.29 -23.76
N ALA A 70 -4.97 -4.55 -23.31
CA ALA A 70 -3.83 -5.08 -22.56
C ALA A 70 -2.95 -5.93 -23.47
N GLU A 71 -1.68 -5.56 -23.59
CA GLU A 71 -0.71 -6.42 -24.25
C GLU A 71 -0.18 -7.41 -23.24
N ASP A 72 1.13 -7.36 -22.98
CA ASP A 72 1.80 -8.29 -22.08
C ASP A 72 1.35 -8.09 -20.63
N GLU A 73 0.40 -7.17 -20.39
CA GLU A 73 -0.06 -6.96 -19.02
C GLU A 73 -0.94 -8.08 -18.49
N ILE A 74 -1.54 -8.90 -19.35
CA ILE A 74 -2.53 -9.85 -18.85
C ILE A 74 -1.89 -10.83 -17.88
N GLU A 75 -0.63 -11.21 -18.10
CA GLU A 75 0.06 -12.09 -17.18
C GLU A 75 0.30 -11.45 -15.81
N ASP A 76 0.63 -10.15 -15.79
CA ASP A 76 0.76 -9.46 -14.52
C ASP A 76 -0.58 -9.38 -13.79
N ILE A 77 -1.66 -9.11 -14.53
CA ILE A 77 -2.98 -9.06 -13.91
C ILE A 77 -3.30 -10.39 -13.23
N GLN A 78 -3.11 -11.49 -13.96
CA GLN A 78 -3.41 -12.80 -13.40
C GLN A 78 -2.55 -13.09 -12.18
N GLN A 79 -1.27 -12.72 -12.22
CA GLN A 79 -0.37 -12.97 -11.10
C GLN A 79 -0.81 -12.19 -9.86
N GLU A 80 -1.25 -10.95 -10.03
CA GLU A 80 -1.76 -10.20 -8.88
C GLU A 80 -3.05 -10.83 -8.32
N ILE A 81 -3.94 -11.30 -9.18
CA ILE A 81 -5.14 -12.00 -8.72
C ILE A 81 -4.77 -13.23 -7.90
N THR A 82 -3.86 -14.05 -8.42
CA THR A 82 -3.44 -15.26 -7.71
C THR A 82 -2.91 -14.93 -6.32
N VAL A 83 -2.02 -13.94 -6.23
CA VAL A 83 -1.43 -13.58 -4.94
C VAL A 83 -2.51 -13.11 -3.97
N LEU A 84 -3.41 -12.24 -4.43
CA LEU A 84 -4.47 -11.75 -3.55
C LEU A 84 -5.38 -12.87 -3.09
N SER A 85 -5.66 -13.84 -3.97
CA SER A 85 -6.55 -14.92 -3.59
C SER A 85 -5.95 -15.79 -2.50
N GLN A 86 -4.63 -15.79 -2.36
CA GLN A 86 -3.95 -16.59 -1.36
C GLN A 86 -3.79 -15.87 -0.04
N CYS A 87 -4.14 -14.60 0.02
CA CYS A 87 -4.04 -13.83 1.25
C CYS A 87 -5.35 -13.90 2.01
N ASP A 88 -5.25 -14.24 3.29
CA ASP A 88 -6.39 -14.19 4.20
C ASP A 88 -5.91 -13.50 5.47
N SER A 89 -5.93 -12.16 5.46
CA SER A 89 -5.42 -11.37 6.57
C SER A 89 -6.27 -10.11 6.75
N PRO A 90 -6.60 -9.73 7.98
CA PRO A 90 -7.23 -8.41 8.19
C PRO A 90 -6.39 -7.24 7.70
N TYR A 91 -5.10 -7.45 7.38
CA TYR A 91 -4.20 -6.37 6.96
C TYR A 91 -3.97 -6.33 5.46
N VAL A 92 -4.66 -7.18 4.69
CA VAL A 92 -4.56 -7.19 3.24
C VAL A 92 -5.96 -7.04 2.66
N THR A 93 -6.12 -6.06 1.76
CA THR A 93 -7.41 -5.86 1.11
C THR A 93 -7.94 -7.17 0.53
N LYS A 94 -9.17 -7.51 0.89
CA LYS A 94 -9.73 -8.81 0.53
C LYS A 94 -10.11 -8.83 -0.95
N TYR A 95 -9.90 -9.97 -1.58
CA TYR A 95 -10.26 -10.20 -2.98
C TYR A 95 -11.52 -11.06 -3.00
N TYR A 96 -12.56 -10.59 -3.69
CA TYR A 96 -13.81 -11.33 -3.71
C TYR A 96 -14.04 -12.14 -4.99
N GLY A 97 -13.28 -11.88 -6.06
CA GLY A 97 -13.49 -12.63 -7.29
C GLY A 97 -13.32 -11.79 -8.54
N SER A 98 -13.37 -12.42 -9.70
CA SER A 98 -13.26 -11.69 -10.95
C SER A 98 -14.22 -12.28 -11.96
N TYR A 99 -14.52 -11.51 -12.99
CA TYR A 99 -15.51 -11.89 -13.98
C TYR A 99 -15.07 -11.36 -15.33
N LEU A 100 -15.41 -12.08 -16.38
CA LEU A 100 -15.11 -11.64 -17.72
C LEU A 100 -16.43 -11.43 -18.46
N LYS A 101 -16.69 -10.19 -18.87
CA LYS A 101 -17.87 -9.80 -19.63
C LYS A 101 -17.40 -9.19 -20.95
N ASP A 102 -17.76 -9.84 -22.06
CA ASP A 102 -17.20 -9.52 -23.37
C ASP A 102 -15.69 -9.32 -23.24
N THR A 103 -15.18 -8.13 -23.56
CA THR A 103 -13.74 -7.94 -23.51
C THR A 103 -13.23 -7.41 -22.17
N LYS A 104 -14.08 -7.25 -21.16
CA LYS A 104 -13.72 -6.55 -19.94
C LYS A 104 -13.61 -7.51 -18.75
N LEU A 105 -12.48 -7.44 -18.05
CA LEU A 105 -12.28 -8.18 -16.82
C LEU A 105 -12.71 -7.29 -15.64
N TRP A 106 -13.66 -7.77 -14.85
CA TRP A 106 -14.06 -7.08 -13.62
C TRP A 106 -13.37 -7.73 -12.44
N ILE A 107 -12.69 -6.94 -11.63
CA ILE A 107 -12.07 -7.46 -10.42
C ILE A 107 -12.77 -6.81 -9.23
N ILE A 108 -13.30 -7.64 -8.33
CA ILE A 108 -14.08 -7.19 -7.19
C ILE A 108 -13.23 -7.33 -5.93
N MET A 109 -13.12 -6.25 -5.18
CA MET A 109 -12.34 -6.26 -3.95
C MET A 109 -13.09 -5.50 -2.86
N GLU A 110 -12.65 -5.74 -1.63
CA GLU A 110 -13.07 -4.99 -0.45
C GLU A 110 -12.97 -3.49 -0.68
N TYR A 111 -14.03 -2.76 -0.36
CA TYR A 111 -14.02 -1.31 -0.40
C TYR A 111 -13.61 -0.74 0.96
N LEU A 112 -12.62 0.15 0.96
CA LEU A 112 -12.13 0.77 2.19
C LEU A 112 -12.43 2.26 2.10
N GLY A 113 -13.42 2.73 2.86
CA GLY A 113 -13.98 4.06 2.75
C GLY A 113 -13.16 5.18 3.34
N GLY A 114 -12.10 4.87 4.08
CA GLY A 114 -11.24 5.90 4.61
C GLY A 114 -10.28 6.50 3.61
N GLY A 115 -10.08 5.87 2.46
CA GLY A 115 -9.12 6.36 1.49
C GLY A 115 -7.73 5.83 1.79
N SER A 116 -6.76 6.30 1.01
CA SER A 116 -5.38 5.89 1.20
C SER A 116 -4.70 6.78 2.24
N ALA A 117 -3.62 6.25 2.84
CA ALA A 117 -2.80 7.05 3.74
C ALA A 117 -2.30 8.31 3.05
N LEU A 118 -1.92 8.21 1.77
CA LEU A 118 -1.49 9.39 1.02
C LEU A 118 -2.59 10.45 1.02
N ASP A 119 -3.84 10.04 0.74
CA ASP A 119 -4.97 10.98 0.79
C ASP A 119 -5.01 11.69 2.14
N LEU A 120 -4.80 10.94 3.22
CA LEU A 120 -4.98 11.50 4.54
C LEU A 120 -3.87 12.47 4.93
N LEU A 121 -2.83 12.60 4.11
CA LEU A 121 -1.81 13.61 4.33
C LEU A 121 -2.24 15.00 3.89
N GLU A 122 -3.29 15.11 3.05
CA GLU A 122 -3.56 16.39 2.39
C GLU A 122 -3.88 17.52 3.35
N PRO A 123 -4.76 17.35 4.35
CA PRO A 123 -5.09 18.52 5.20
C PRO A 123 -3.91 19.10 5.98
N GLY A 124 -2.79 18.40 6.08
CA GLY A 124 -1.71 18.87 6.93
C GLY A 124 -0.95 17.70 7.53
N PRO A 125 0.07 18.00 8.35
CA PRO A 125 0.97 16.95 8.81
C PRO A 125 0.31 15.99 9.79
N LEU A 126 0.73 14.73 9.71
CA LEU A 126 0.37 13.75 10.74
C LEU A 126 1.18 14.01 12.01
N ASP A 127 0.60 13.65 13.16
CA ASP A 127 1.43 13.63 14.37
C ASP A 127 2.05 12.24 14.53
N GLU A 128 2.95 12.12 15.51
CA GLU A 128 3.75 10.89 15.55
C GLU A 128 2.93 9.70 16.04
N THR A 129 1.87 9.94 16.82
CA THR A 129 0.93 8.88 17.18
C THR A 129 0.29 8.29 15.93
N GLN A 130 -0.20 9.17 15.04
CA GLN A 130 -0.82 8.71 13.81
C GLN A 130 0.18 7.99 12.92
N ILE A 131 1.40 8.53 12.82
CA ILE A 131 2.45 7.90 12.01
C ILE A 131 2.76 6.51 12.54
N ALA A 132 2.95 6.41 13.86
CA ALA A 132 3.30 5.13 14.47
C ALA A 132 2.17 4.13 14.33
N THR A 133 0.92 4.59 14.48
CA THR A 133 -0.21 3.68 14.34
C THR A 133 -0.28 3.12 12.92
N ILE A 134 -0.09 3.98 11.93
CA ILE A 134 -0.16 3.51 10.54
C ILE A 134 1.00 2.57 10.25
N LEU A 135 2.21 2.96 10.65
CA LEU A 135 3.36 2.09 10.46
C LEU A 135 3.16 0.75 11.14
N ARG A 136 2.63 0.75 12.38
CA ARG A 136 2.42 -0.52 13.09
C ARG A 136 1.49 -1.44 12.31
N GLU A 137 0.41 -0.89 11.76
CA GLU A 137 -0.53 -1.74 11.02
C GLU A 137 0.07 -2.21 9.70
N ILE A 138 0.87 -1.35 9.05
CA ILE A 138 1.62 -1.80 7.88
C ILE A 138 2.54 -2.95 8.25
N LEU A 139 3.24 -2.83 9.39
CA LEU A 139 4.12 -3.90 9.83
C LEU A 139 3.37 -5.19 10.09
N LYS A 140 2.13 -5.10 10.59
CA LYS A 140 1.36 -6.31 10.81
C LYS A 140 1.04 -6.97 9.48
N GLY A 141 0.72 -6.17 8.46
CA GLY A 141 0.54 -6.72 7.12
C GLY A 141 1.82 -7.33 6.56
N LEU A 142 2.95 -6.64 6.73
CA LEU A 142 4.22 -7.15 6.21
C LEU A 142 4.65 -8.41 6.96
N ASP A 143 4.46 -8.41 8.29
CA ASP A 143 4.70 -9.63 9.04
C ASP A 143 3.84 -10.78 8.51
N TYR A 144 2.57 -10.51 8.19
CA TYR A 144 1.75 -11.55 7.58
C TYR A 144 2.34 -12.03 6.27
N LEU A 145 2.61 -11.10 5.34
CA LEU A 145 3.05 -11.48 4.00
C LEU A 145 4.37 -12.22 4.05
N HIS A 146 5.34 -11.69 4.80
CA HIS A 146 6.66 -12.32 4.83
C HIS A 146 6.61 -13.69 5.48
N SER A 147 5.75 -13.84 6.51
CA SER A 147 5.56 -15.16 7.08
C SER A 147 4.92 -16.12 6.08
N GLU A 148 4.18 -15.61 5.11
CA GLU A 148 3.62 -16.44 4.04
C GLU A 148 4.58 -16.57 2.86
N LYS A 149 5.82 -16.07 2.98
CA LYS A 149 6.81 -16.10 1.90
C LYS A 149 6.35 -15.26 0.72
N LYS A 150 5.74 -14.12 1.00
CA LYS A 150 5.32 -13.20 -0.02
C LYS A 150 6.01 -11.86 0.23
N ILE A 151 6.21 -11.11 -0.85
CA ILE A 151 6.76 -9.76 -0.81
C ILE A 151 5.71 -8.83 -1.39
N HIS A 152 5.45 -7.70 -0.73
CA HIS A 152 4.45 -6.79 -1.26
C HIS A 152 4.97 -6.09 -2.51
N ARG A 153 6.19 -5.52 -2.41
CA ARG A 153 6.99 -4.96 -3.50
C ARG A 153 6.57 -3.55 -3.89
N ASP A 154 5.53 -2.98 -3.31
CA ASP A 154 5.21 -1.59 -3.59
C ASP A 154 4.62 -0.93 -2.34
N ILE A 155 5.33 -1.02 -1.22
CA ILE A 155 4.87 -0.32 -0.03
C ILE A 155 5.09 1.19 -0.21
N LYS A 156 4.02 1.95 0.01
CA LYS A 156 4.03 3.41 -0.10
C LYS A 156 2.67 3.89 0.39
N ALA A 157 2.59 5.19 0.74
CA ALA A 157 1.36 5.67 1.39
C ALA A 157 0.15 5.52 0.48
N ALA A 158 0.32 5.59 -0.84
CA ALA A 158 -0.81 5.52 -1.75
C ALA A 158 -1.39 4.10 -1.82
N ASN A 159 -0.60 3.10 -1.42
CA ASN A 159 -1.02 1.71 -1.45
C ASN A 159 -1.46 1.21 -0.09
N VAL A 160 -1.64 2.11 0.86
CA VAL A 160 -2.12 1.78 2.19
C VAL A 160 -3.52 2.38 2.32
N LEU A 161 -4.52 1.52 2.48
CA LEU A 161 -5.92 1.92 2.46
C LEU A 161 -6.49 1.79 3.87
N LEU A 162 -7.38 2.70 4.23
CA LEU A 162 -8.00 2.68 5.54
C LEU A 162 -9.50 2.44 5.39
N SER A 163 -10.06 1.61 6.26
CA SER A 163 -11.50 1.51 6.34
C SER A 163 -12.07 2.78 6.98
N GLU A 164 -13.39 2.94 6.87
CA GLU A 164 -14.05 4.03 7.55
C GLU A 164 -13.91 3.91 9.07
N HIS A 165 -13.57 2.73 9.59
CA HIS A 165 -13.33 2.60 11.03
C HIS A 165 -11.87 2.84 11.42
N GLY A 166 -10.99 3.13 10.46
CA GLY A 166 -9.60 3.32 10.78
C GLY A 166 -8.73 2.09 10.65
N GLU A 167 -9.29 0.96 10.23
CA GLU A 167 -8.45 -0.20 9.98
C GLU A 167 -7.53 0.09 8.79
N VAL A 168 -6.30 -0.42 8.85
CA VAL A 168 -5.25 -0.11 7.87
C VAL A 168 -4.89 -1.39 7.12
N LYS A 169 -4.96 -1.35 5.78
CA LYS A 169 -4.73 -2.54 4.97
C LYS A 169 -3.80 -2.24 3.80
N LEU A 170 -3.10 -3.27 3.34
CA LEU A 170 -2.25 -3.14 2.18
C LEU A 170 -3.03 -3.42 0.91
N ALA A 171 -2.66 -2.71 -0.16
CA ALA A 171 -3.27 -2.88 -1.48
C ALA A 171 -2.19 -2.75 -2.55
N ASP A 172 -2.56 -3.04 -3.79
CA ASP A 172 -1.76 -2.75 -4.98
C ASP A 172 -0.34 -3.33 -4.85
N PHE A 173 -0.26 -4.64 -4.75
CA PHE A 173 1.03 -5.31 -4.77
C PHE A 173 1.80 -4.93 -6.03
N GLY A 174 3.13 -4.84 -5.90
CA GLY A 174 3.96 -4.60 -7.07
C GLY A 174 4.17 -5.84 -7.91
N VAL A 175 4.41 -5.60 -9.21
CA VAL A 175 4.56 -6.70 -10.16
C VAL A 175 5.86 -7.45 -9.91
N ALA A 176 5.77 -8.78 -9.94
CA ALA A 176 6.90 -9.64 -9.58
C ALA A 176 8.07 -9.53 -10.57
N THR A 192 7.78 3.93 -11.05
CA THR A 192 8.34 5.06 -10.31
C THR A 192 9.28 4.55 -9.22
N PRO A 193 10.45 5.20 -9.06
CA PRO A 193 11.52 4.58 -8.29
C PRO A 193 11.61 5.00 -6.82
N PHE A 194 10.84 5.99 -6.36
CA PHE A 194 11.17 6.69 -5.12
C PHE A 194 11.17 5.78 -3.88
N TRP A 195 10.33 4.74 -3.87
CA TRP A 195 10.24 3.85 -2.73
C TRP A 195 11.03 2.57 -2.92
N MET A 196 11.76 2.44 -4.03
CA MET A 196 12.47 1.20 -4.34
C MET A 196 13.78 1.06 -3.57
N ALA A 197 14.02 -0.13 -3.04
CA ALA A 197 15.29 -0.41 -2.39
C ALA A 197 16.41 -0.39 -3.42
N PRO A 198 17.65 -0.07 -3.00
CA PRO A 198 18.74 -0.04 -3.97
C PRO A 198 18.99 -1.38 -4.64
N GLU A 199 18.91 -2.50 -3.87
CA GLU A 199 19.15 -3.81 -4.46
C GLU A 199 18.06 -4.19 -5.46
N VAL A 200 16.83 -3.69 -5.27
CA VAL A 200 15.79 -3.90 -6.27
C VAL A 200 16.17 -3.19 -7.57
N ILE A 201 16.70 -1.98 -7.47
CA ILE A 201 17.09 -1.21 -8.65
C ILE A 201 18.26 -1.88 -9.37
N LYS A 202 19.25 -2.38 -8.62
CA LYS A 202 20.38 -3.09 -9.21
C LYS A 202 20.07 -4.55 -9.55
N GLN A 203 18.90 -5.06 -9.17
CA GLN A 203 18.56 -6.50 -9.15
C GLN A 203 19.75 -7.40 -8.86
N TYR A 206 16.88 -10.10 -4.53
CA TYR A 206 16.31 -9.42 -3.36
C TYR A 206 15.15 -10.19 -2.73
N ASP A 207 14.82 -9.84 -1.48
CA ASP A 207 13.87 -10.61 -0.69
C ASP A 207 12.93 -9.67 0.05
N SER A 208 12.34 -10.17 1.14
CA SER A 208 11.40 -9.39 1.93
C SER A 208 12.02 -8.12 2.52
N LYS A 209 13.36 -8.07 2.68
CA LYS A 209 13.95 -6.88 3.25
C LYS A 209 13.74 -5.66 2.35
N ALA A 210 13.46 -5.87 1.06
CA ALA A 210 13.11 -4.76 0.18
C ALA A 210 11.86 -4.04 0.64
N ASP A 211 10.91 -4.79 1.21
CA ASP A 211 9.72 -4.18 1.77
C ASP A 211 10.06 -3.32 2.97
N ILE A 212 11.09 -3.70 3.74
CA ILE A 212 11.48 -2.94 4.91
C ILE A 212 12.09 -1.59 4.51
N TRP A 213 12.90 -1.58 3.45
CA TRP A 213 13.38 -0.31 2.91
C TRP A 213 12.22 0.57 2.48
N SER A 214 11.31 0.02 1.66
CA SER A 214 10.15 0.77 1.21
C SER A 214 9.34 1.31 2.38
N LEU A 215 9.27 0.54 3.47
CA LEU A 215 8.60 1.01 4.69
C LEU A 215 9.30 2.23 5.29
N GLY A 216 10.64 2.20 5.33
CA GLY A 216 11.40 3.36 5.75
C GLY A 216 11.08 4.60 4.91
N ILE A 217 11.04 4.43 3.58
CA ILE A 217 10.69 5.55 2.71
C ILE A 217 9.27 6.00 3.01
N THR A 218 8.38 5.03 3.27
CA THR A 218 7.00 5.35 3.61
C THR A 218 6.92 6.08 4.94
N ALA A 219 7.81 5.73 5.88
CA ALA A 219 7.83 6.46 7.15
C ALA A 219 8.16 7.93 6.91
N ILE A 220 9.16 8.20 6.07
CA ILE A 220 9.51 9.57 5.72
C ILE A 220 8.34 10.26 5.02
N GLU A 221 7.69 9.53 4.11
CA GLU A 221 6.54 10.08 3.38
C GLU A 221 5.43 10.47 4.34
N LEU A 222 5.16 9.65 5.36
CA LEU A 222 4.12 9.95 6.33
C LEU A 222 4.51 11.12 7.24
N ALA A 223 5.79 11.30 7.51
CA ALA A 223 6.25 12.41 8.35
C ALA A 223 6.30 13.71 7.55
N ARG A 224 6.70 13.64 6.28
CA ARG A 224 7.05 14.83 5.51
C ARG A 224 6.08 15.14 4.38
N GLY A 225 5.27 14.18 3.96
CA GLY A 225 4.31 14.39 2.90
C GLY A 225 4.74 13.81 1.58
N GLU A 226 6.01 13.46 1.44
CA GLU A 226 6.48 13.02 0.15
C GLU A 226 7.81 12.31 0.36
N PRO A 227 8.21 11.41 -0.54
CA PRO A 227 9.44 10.62 -0.32
C PRO A 227 10.69 11.42 -0.61
N PRO A 228 11.87 10.94 -0.20
CA PRO A 228 13.12 11.63 -0.60
C PRO A 228 13.21 11.72 -2.11
N HIS A 229 13.86 12.79 -2.57
CA HIS A 229 14.15 13.04 -3.98
C HIS A 229 12.91 13.35 -4.81
N SER A 230 11.79 13.72 -4.18
CA SER A 230 10.54 13.79 -4.91
C SER A 230 10.52 14.95 -5.89
N GLU A 231 11.39 15.93 -5.71
CA GLU A 231 11.52 17.03 -6.64
C GLU A 231 12.25 16.66 -7.93
N LEU A 232 12.93 15.51 -7.98
CA LEU A 232 13.86 15.19 -9.05
C LEU A 232 13.23 14.32 -10.14
N HIS A 233 13.81 14.39 -11.32
CA HIS A 233 13.37 13.54 -12.41
C HIS A 233 13.55 12.07 -12.01
N PRO A 234 12.56 11.22 -12.28
CA PRO A 234 12.68 9.80 -11.90
C PRO A 234 13.94 9.13 -12.40
N MET A 235 14.42 9.48 -13.59
CA MET A 235 15.61 8.82 -14.09
C MET A 235 16.85 9.26 -13.31
N LYS A 236 16.83 10.47 -12.75
CA LYS A 236 17.91 10.85 -11.83
C LYS A 236 17.85 9.99 -10.57
N VAL A 237 16.65 9.82 -10.01
CA VAL A 237 16.49 9.05 -8.78
C VAL A 237 16.93 7.60 -8.96
N LEU A 238 16.80 7.06 -10.19
CA LEU A 238 17.20 5.68 -10.45
C LEU A 238 18.68 5.46 -10.16
N PHE A 239 19.53 6.43 -10.47
CA PHE A 239 20.94 6.24 -10.12
C PHE A 239 21.30 6.81 -8.75
N LEU A 240 20.49 7.70 -8.18
CA LEU A 240 20.85 8.27 -6.89
C LEU A 240 20.66 7.25 -5.76
N ILE A 241 19.56 6.48 -5.78
CA ILE A 241 19.31 5.53 -4.70
C ILE A 241 20.46 4.55 -4.53
N PRO A 242 20.95 3.87 -5.59
CA PRO A 242 22.17 3.04 -5.41
C PRO A 242 23.40 3.84 -5.03
N LYS A 243 23.58 5.03 -5.61
CA LYS A 243 24.84 5.73 -5.44
C LYS A 243 24.95 6.41 -4.08
N ASN A 244 23.88 6.99 -3.60
CA ASN A 244 23.92 7.86 -2.43
C ASN A 244 23.85 7.05 -1.13
N ASN A 245 24.32 7.69 -0.05
CA ASN A 245 23.95 7.23 1.28
C ASN A 245 22.43 7.14 1.40
N PRO A 246 21.92 6.27 2.26
CA PRO A 246 20.47 6.16 2.39
C PRO A 246 19.88 7.46 2.92
N PRO A 247 18.64 7.77 2.56
CA PRO A 247 17.99 8.97 3.10
C PRO A 247 17.84 8.90 4.60
N THR A 248 17.77 10.07 5.22
CA THR A 248 17.39 10.19 6.62
C THR A 248 16.21 11.13 6.76
N LEU A 249 15.49 11.01 7.87
CA LEU A 249 14.36 11.87 8.15
C LEU A 249 14.86 13.19 8.74
N GLU A 250 14.64 14.28 8.03
CA GLU A 250 15.12 15.59 8.48
C GLU A 250 13.96 16.44 8.97
N GLY A 251 14.21 17.18 10.03
CA GLY A 251 13.20 18.01 10.67
C GLY A 251 13.11 17.71 12.15
N ASN A 252 12.21 18.44 12.80
CA ASN A 252 12.02 18.33 14.25
C ASN A 252 11.08 17.16 14.56
N TYR A 253 11.59 15.95 14.34
CA TYR A 253 10.89 14.71 14.67
C TYR A 253 11.62 13.99 15.81
N SER A 254 10.89 13.13 16.54
CA SER A 254 11.49 12.47 17.68
C SER A 254 12.66 11.60 17.23
N LYS A 255 13.65 11.45 18.12
CA LYS A 255 14.77 10.56 17.79
C LYS A 255 14.33 9.11 17.57
N PRO A 256 13.38 8.54 18.33
CA PRO A 256 12.89 7.20 17.96
C PRO A 256 12.31 7.12 16.55
N LEU A 257 11.57 8.14 16.09
CA LEU A 257 11.10 8.09 14.71
C LEU A 257 12.27 8.14 13.73
N LYS A 258 13.25 9.03 13.99
CA LYS A 258 14.41 9.09 13.11
C LYS A 258 15.18 7.77 13.13
N GLU A 259 15.27 7.13 14.30
CA GLU A 259 15.94 5.83 14.37
C GLU A 259 15.12 4.73 13.68
N PHE A 260 13.79 4.78 13.81
CA PHE A 260 12.99 3.82 13.04
C PHE A 260 13.34 3.90 11.56
N VAL A 261 13.32 5.11 11.01
CA VAL A 261 13.66 5.33 9.61
C VAL A 261 15.07 4.83 9.29
N GLU A 262 16.06 5.19 10.11
CA GLU A 262 17.44 4.74 9.87
C GLU A 262 17.55 3.22 9.86
N ALA A 263 16.87 2.54 10.77
CA ALA A 263 16.96 1.08 10.81
C ALA A 263 16.45 0.48 9.50
N CYS A 264 15.29 0.96 9.04
CA CYS A 264 14.75 0.48 7.77
C CYS A 264 15.68 0.80 6.59
N LEU A 265 16.28 1.98 6.61
CA LEU A 265 17.02 2.52 5.46
C LEU A 265 18.52 2.30 5.64
N ASN A 266 18.90 1.03 5.63
CA ASN A 266 20.28 0.61 5.55
C ASN A 266 20.50 0.08 4.14
N LYS A 267 21.59 0.49 3.49
CA LYS A 267 21.90 -0.05 2.17
C LYS A 267 22.07 -1.56 2.21
N GLU A 268 22.50 -2.11 3.34
CA GLU A 268 22.71 -3.54 3.47
C GLU A 268 21.40 -4.20 3.93
N PRO A 269 20.73 -4.99 3.08
CA PRO A 269 19.43 -5.58 3.48
C PRO A 269 19.51 -6.45 4.73
N SER A 270 20.60 -7.20 4.91
CA SER A 270 20.69 -8.05 6.09
C SER A 270 20.79 -7.23 7.38
N PHE A 271 21.17 -5.96 7.28
CA PHE A 271 21.17 -5.08 8.44
C PHE A 271 19.81 -4.47 8.73
N ARG A 272 18.86 -4.60 7.81
CA ARG A 272 17.51 -4.13 8.12
C ARG A 272 16.81 -5.11 9.04
N PRO A 273 16.02 -4.61 10.00
CA PRO A 273 15.29 -5.52 10.89
C PRO A 273 14.15 -6.16 10.14
N THR A 274 13.61 -7.22 10.73
CA THR A 274 12.41 -7.83 10.21
C THR A 274 11.19 -7.03 10.63
N ALA A 275 10.06 -7.31 9.98
CA ALA A 275 8.82 -6.66 10.39
C ALA A 275 8.46 -7.03 11.84
N LYS A 276 8.64 -8.32 12.21
CA LYS A 276 8.45 -8.74 13.60
C LYS A 276 9.26 -7.88 14.57
N GLU A 277 10.54 -7.68 14.27
CA GLU A 277 11.37 -6.91 15.18
C GLU A 277 10.91 -5.45 15.22
N LEU A 278 10.56 -4.88 14.07
CA LEU A 278 10.15 -3.48 14.04
C LEU A 278 8.83 -3.26 14.76
N LEU A 279 8.00 -4.29 14.90
CA LEU A 279 6.79 -4.14 15.68
C LEU A 279 7.09 -3.90 17.15
N LYS A 280 8.31 -4.23 17.60
CA LYS A 280 8.75 -3.97 18.95
C LYS A 280 9.63 -2.75 19.05
N HIS A 281 9.78 -1.99 17.96
CA HIS A 281 10.63 -0.81 18.00
C HIS A 281 10.07 0.21 18.98
N LYS A 282 10.96 0.87 19.71
CA LYS A 282 10.53 1.86 20.70
C LYS A 282 9.65 2.95 20.08
N PHE A 283 9.90 3.35 18.84
CA PHE A 283 9.00 4.35 18.26
C PHE A 283 7.58 3.80 18.20
N ILE A 284 7.43 2.58 17.70
CA ILE A 284 6.11 1.95 17.64
C ILE A 284 5.53 1.79 19.04
N LEU A 285 6.33 1.25 19.97
CA LEU A 285 5.76 0.91 21.27
C LEU A 285 5.37 2.17 22.04
N ARG A 286 6.17 3.24 21.94
CA ARG A 286 5.90 4.44 22.72
C ARG A 286 4.87 5.36 22.08
N ASN A 287 4.53 5.17 20.80
CA ASN A 287 3.68 6.14 20.10
C ASN A 287 2.40 5.58 19.50
N ALA A 288 2.36 4.30 19.11
CA ALA A 288 1.17 3.78 18.43
C ALA A 288 0.01 3.63 19.40
N LYS A 289 -1.20 3.98 18.96
CA LYS A 289 -2.37 3.80 19.79
C LYS A 289 -3.42 3.05 19.00
N LYS A 290 -4.64 2.92 19.53
CA LYS A 290 -5.69 2.16 18.87
C LYS A 290 -5.99 2.72 17.48
N THR A 291 -6.26 1.81 16.52
CA THR A 291 -6.51 2.25 15.15
C THR A 291 -7.80 3.04 15.04
N SER A 292 -8.74 2.81 15.96
CA SER A 292 -9.99 3.55 15.89
C SER A 292 -9.77 5.05 16.04
N TYR A 293 -8.68 5.47 16.69
CA TYR A 293 -8.36 6.89 16.76
C TYR A 293 -8.13 7.49 15.39
N LEU A 294 -7.78 6.67 14.39
CA LEU A 294 -7.52 7.21 13.07
C LEU A 294 -8.79 7.72 12.39
N THR A 295 -9.98 7.42 12.94
CA THR A 295 -11.19 7.99 12.34
C THR A 295 -11.16 9.52 12.37
N GLU A 296 -10.50 10.09 13.38
CA GLU A 296 -10.36 11.55 13.42
C GLU A 296 -9.55 12.05 12.24
N LEU A 297 -8.56 11.28 11.81
CA LEU A 297 -7.84 11.64 10.61
C LEU A 297 -8.76 11.56 9.38
N ILE A 298 -9.60 10.54 9.32
CA ILE A 298 -10.49 10.36 8.17
C ILE A 298 -11.53 11.46 8.11
N ASP A 299 -12.07 11.86 9.27
CA ASP A 299 -13.03 12.96 9.30
C ASP A 299 -12.37 14.28 8.93
N ALA A 300 -11.18 14.54 9.48
CA ALA A 300 -10.42 15.72 9.10
C ALA A 300 -10.25 15.80 7.59
N HIS A 301 -10.06 14.65 6.94
CA HIS A 301 -9.92 14.64 5.48
C HIS A 301 -11.22 14.99 4.78
N HIS A 302 -12.38 14.62 5.36
CA HIS A 302 -13.67 15.02 4.82
C HIS A 302 -14.20 16.29 5.47
N HIS A 303 -13.30 17.17 5.93
CA HIS A 303 -13.64 18.45 6.55
C HIS A 303 -14.79 19.18 5.86
#